data_4QHX
#
_entry.id   4QHX
#
_cell.length_a   110.042
_cell.length_b   110.042
_cell.length_c   105.557
_cell.angle_alpha   90.000
_cell.angle_beta   90.000
_cell.angle_gamma   120.000
#
_symmetry.space_group_name_H-M   'H 3'
#
loop_
_entity.id
_entity.type
_entity.pdbx_description
1 polymer 'Uncharacterized protein'
2 non-polymer 'CHLORIDE ION'
3 non-polymer 'SULFATE ION'
4 non-polymer GLYCEROL
5 non-polymer DI(HYDROXYETHYL)ETHER
6 water water
#
_entity_poly.entity_id   1
_entity_poly.type   'polypeptide(L)'
_entity_poly.pdbx_seq_one_letter_code
;GQPQQVVVGVSGNGYVTRQQDGARITQRGVTHWTNPKSIVSIYFYLHQPTTADLSLYAKGHSEIKVSYGKKGFKVNLQSN
DFTKVPVGSIDIRQAGYVRIDLQGVSKSGEGFGEIKQLIADNVTGKSNYVKDFSDYWGRRGPSVHLGYALPEGDTEWFYN
EITVPKEGET(MSE)HSYY(MSE)AAGFGEGYFG(MSE)QYNSPTERRILFSVWSPFDTQNPKEIPDDQKIKLLRQGKDV
HIGEFGNEGSGGQSYLKYPWKAGNTYKFL(MSE)QIRPDGNGNTTYTAYFYATDEKEWKLIASFLRPKTNTWYKRPHSFL
ENFSPEQGYLSREVFFGNQWARSKEGKWSRLTDATFTHDATASAQVRLDYQGGNTKDNRFYLK(MSE)GGFFNESVP
(MSE)GTKFYCKPTGKEPEIDWEALKQL
;
_entity_poly.pdbx_strand_id   A
#
loop_
_chem_comp.id
_chem_comp.type
_chem_comp.name
_chem_comp.formula
CL non-polymer 'CHLORIDE ION' 'Cl -1'
GOL non-polymer GLYCEROL 'C3 H8 O3'
PEG non-polymer DI(HYDROXYETHYL)ETHER 'C4 H10 O3'
SO4 non-polymer 'SULFATE ION' 'O4 S -2'
#
# COMPACT_ATOMS: atom_id res chain seq x y z
N GLN A 2 4.23 10.20 34.81
CA GLN A 2 3.35 9.25 35.54
C GLN A 2 2.71 8.25 34.59
N PRO A 3 2.51 6.99 35.02
CA PRO A 3 1.87 6.04 34.12
C PRO A 3 0.47 6.50 33.73
N GLN A 4 0.02 6.10 32.54
CA GLN A 4 -1.26 6.52 32.03
C GLN A 4 -2.03 5.35 31.45
N GLN A 5 -3.29 5.65 31.16
CA GLN A 5 -4.22 4.73 30.54
C GLN A 5 -4.20 4.96 29.05
N VAL A 6 -4.11 3.87 28.29
CA VAL A 6 -4.09 3.93 26.84
C VAL A 6 -5.30 3.12 26.36
N VAL A 7 -6.23 3.79 25.71
CA VAL A 7 -7.43 3.13 25.25
C VAL A 7 -7.29 2.94 23.73
N VAL A 8 -7.20 1.69 23.29
CA VAL A 8 -6.96 1.40 21.90
C VAL A 8 -8.24 0.86 21.28
N GLY A 9 -8.82 1.64 20.36
CA GLY A 9 -10.03 1.23 19.67
C GLY A 9 -9.80 0.08 18.70
N VAL A 10 -10.65 -0.94 18.80
CA VAL A 10 -10.52 -2.08 17.91
C VAL A 10 -10.82 -1.70 16.47
N SER A 11 -11.81 -0.83 16.25
CA SER A 11 -12.17 -0.46 14.90
C SER A 11 -11.02 0.09 14.07
N GLY A 12 -10.09 0.82 14.68
CA GLY A 12 -8.95 1.36 13.91
C GLY A 12 -7.63 0.61 14.06
N ASN A 13 -7.59 -0.34 15.00
CA ASN A 13 -6.34 -1.02 15.38
C ASN A 13 -6.37 -2.52 15.46
N GLY A 14 -7.52 -3.13 15.14
CA GLY A 14 -7.67 -4.57 15.17
C GLY A 14 -7.94 -5.15 13.81
N TYR A 15 -7.51 -6.40 13.64
CA TYR A 15 -7.60 -7.13 12.37
C TYR A 15 -7.93 -8.59 12.63
N VAL A 16 -8.74 -9.20 11.76
CA VAL A 16 -8.89 -10.65 11.79
C VAL A 16 -7.72 -11.22 11.03
N THR A 17 -6.86 -11.91 11.74
CA THR A 17 -5.61 -12.37 11.18
C THR A 17 -5.55 -13.86 10.89
N ARG A 18 -6.61 -14.59 11.21
CA ARG A 18 -6.74 -15.98 10.81
C ARG A 18 -8.21 -16.29 10.75
N GLN A 19 -8.61 -17.09 9.77
CA GLN A 19 -9.98 -17.50 9.53
C GLN A 19 -10.87 -16.28 9.42
N GLN A 20 -10.67 -15.57 8.31
CA GLN A 20 -11.25 -14.26 8.10
C GLN A 20 -12.75 -14.22 8.06
N ASP A 21 -13.38 -15.28 7.63
CA ASP A 21 -14.82 -15.35 7.64
C ASP A 21 -15.46 -15.62 9.04
N GLY A 22 -14.66 -15.79 10.06
CA GLY A 22 -15.19 -16.24 11.37
C GLY A 22 -15.24 -15.12 12.41
N ALA A 23 -14.95 -13.90 11.98
CA ALA A 23 -14.99 -12.68 12.80
C ALA A 23 -14.88 -11.50 11.87
N ARG A 24 -15.29 -10.33 12.34
CA ARG A 24 -15.30 -9.11 11.54
C ARG A 24 -14.90 -7.93 12.41
N ILE A 25 -14.12 -7.02 11.84
CA ILE A 25 -13.86 -5.74 12.44
C ILE A 25 -14.77 -4.71 11.75
N THR A 26 -15.57 -4.00 12.52
CA THR A 26 -16.44 -2.95 11.99
C THR A 26 -16.21 -1.71 12.81
N GLN A 27 -16.98 -0.66 12.54
CA GLN A 27 -16.96 0.54 13.36
C GLN A 27 -17.25 0.23 14.81
N ARG A 28 -17.91 -0.88 15.11
CA ARG A 28 -18.12 -1.29 16.51
C ARG A 28 -16.97 -2.03 17.18
N GLY A 29 -15.99 -2.44 16.39
CA GLY A 29 -14.91 -3.30 16.90
C GLY A 29 -15.10 -4.71 16.38
N VAL A 30 -14.88 -5.71 17.24
CA VAL A 30 -15.09 -7.10 16.87
C VAL A 30 -16.58 -7.41 17.00
N THR A 31 -17.16 -7.92 15.92
CA THR A 31 -18.51 -8.39 15.84
C THR A 31 -18.50 -9.69 15.02
N HIS A 32 -19.64 -10.36 15.01
CA HIS A 32 -19.81 -11.58 14.20
C HIS A 32 -18.70 -12.58 14.43
N TRP A 33 -18.31 -12.72 15.69
CA TRP A 33 -17.15 -13.52 16.08
C TRP A 33 -17.67 -14.90 16.42
N THR A 34 -17.63 -15.81 15.44
CA THR A 34 -18.30 -17.09 15.56
C THR A 34 -17.37 -18.28 15.52
N ASN A 35 -16.17 -18.13 14.96
CA ASN A 35 -15.32 -19.29 14.74
C ASN A 35 -14.14 -19.34 15.70
N PRO A 36 -14.00 -20.46 16.46
CA PRO A 36 -12.87 -20.57 17.39
C PRO A 36 -11.48 -20.57 16.74
N LYS A 37 -11.41 -20.80 15.44
CA LYS A 37 -10.13 -20.75 14.74
C LYS A 37 -9.67 -19.34 14.42
N SER A 38 -10.61 -18.39 14.42
CA SER A 38 -10.29 -17.03 14.07
C SER A 38 -9.40 -16.41 15.14
N ILE A 39 -8.52 -15.53 14.70
CA ILE A 39 -7.69 -14.76 15.60
C ILE A 39 -7.87 -13.29 15.25
N VAL A 40 -8.08 -12.47 16.26
CA VAL A 40 -8.13 -11.05 16.12
C VAL A 40 -6.88 -10.51 16.76
N SER A 41 -6.16 -9.67 16.02
CA SER A 41 -4.93 -9.04 16.50
C SER A 41 -5.07 -7.55 16.56
N ILE A 42 -4.65 -6.97 17.68
CA ILE A 42 -4.72 -5.53 17.95
C ILE A 42 -3.30 -5.00 18.13
N TYR A 43 -2.98 -3.91 17.43
CA TYR A 43 -1.62 -3.40 17.43
C TYR A 43 -1.56 -1.95 17.88
N PHE A 44 -0.60 -1.67 18.73
CA PHE A 44 -0.28 -0.32 19.17
C PHE A 44 1.19 -0.18 19.49
N TYR A 45 1.72 1.01 19.26
CA TYR A 45 3.15 1.23 19.35
C TYR A 45 3.49 1.89 20.68
N LEU A 46 4.52 1.38 21.34
CA LEU A 46 5.05 1.98 22.58
C LEU A 46 6.48 2.41 22.38
N HIS A 47 6.80 3.61 22.88
CA HIS A 47 8.13 4.18 22.72
C HIS A 47 9.16 3.69 23.72
N GLN A 48 8.76 3.07 24.83
CA GLN A 48 9.77 2.56 25.77
C GLN A 48 9.30 1.35 26.54
N PRO A 49 10.23 0.55 27.07
CA PRO A 49 9.81 -0.58 27.88
C PRO A 49 8.91 -0.16 29.03
N THR A 50 7.91 -0.99 29.31
CA THR A 50 6.91 -0.66 30.32
C THR A 50 6.06 -1.88 30.57
N THR A 51 5.54 -1.95 31.78
CA THR A 51 4.53 -2.93 32.07
C THR A 51 3.18 -2.29 31.65
N ALA A 52 2.15 -3.11 31.57
CA ALA A 52 0.82 -2.65 31.18
C ALA A 52 -0.17 -3.63 31.76
N ASP A 53 -1.24 -3.11 32.36
CA ASP A 53 -2.30 -3.94 32.89
C ASP A 53 -3.42 -3.88 31.87
N LEU A 54 -3.67 -5.03 31.24
CA LEU A 54 -4.62 -5.08 30.14
C LEU A 54 -6.04 -5.37 30.60
N SER A 55 -6.99 -4.67 29.99
CA SER A 55 -8.40 -4.93 30.09
C SER A 55 -9.03 -4.86 28.73
N LEU A 56 -10.23 -5.38 28.62
CA LEU A 56 -11.01 -5.23 27.41
C LEU A 56 -12.31 -4.51 27.73
N TYR A 57 -12.75 -3.63 26.85
CA TYR A 57 -14.10 -3.10 26.95
C TYR A 57 -14.94 -4.00 26.08
N ALA A 58 -15.69 -4.88 26.72
CA ALA A 58 -16.27 -6.00 26.00
C ALA A 58 -17.54 -6.47 26.63
N LYS A 59 -18.28 -7.25 25.85
CA LYS A 59 -19.47 -7.93 26.30
CA LYS A 59 -19.47 -7.94 26.31
C LYS A 59 -19.60 -9.27 25.59
N GLY A 60 -20.35 -10.20 26.17
CA GLY A 60 -20.57 -11.50 25.55
C GLY A 60 -20.81 -12.55 26.64
N HIS A 61 -20.94 -13.79 26.20
CA HIS A 61 -21.12 -14.93 27.08
C HIS A 61 -20.20 -16.02 26.53
N SER A 62 -18.96 -16.04 27.01
CA SER A 62 -17.94 -16.79 26.33
C SER A 62 -16.71 -16.92 27.19
N GLU A 63 -15.81 -17.77 26.75
CA GLU A 63 -14.44 -17.72 27.19
C GLU A 63 -13.54 -17.41 25.99
N ILE A 64 -12.62 -16.48 26.17
CA ILE A 64 -11.69 -16.16 25.14
C ILE A 64 -10.25 -16.26 25.68
N LYS A 65 -9.31 -16.26 24.77
CA LYS A 65 -7.93 -16.30 25.11
C LYS A 65 -7.29 -15.04 24.58
N VAL A 66 -6.58 -14.32 25.45
CA VAL A 66 -5.90 -13.08 25.06
C VAL A 66 -4.43 -13.40 25.23
N SER A 67 -3.59 -13.03 24.26
CA SER A 67 -2.17 -13.39 24.29
CA SER A 67 -2.18 -13.34 24.38
C SER A 67 -1.26 -12.24 23.84
N TYR A 68 -0.07 -12.22 24.42
CA TYR A 68 0.98 -11.32 24.08
C TYR A 68 2.20 -12.23 23.94
N GLY A 69 2.55 -12.54 22.70
CA GLY A 69 3.58 -13.52 22.41
C GLY A 69 3.12 -14.83 23.03
N LYS A 70 4.00 -15.48 23.76
CA LYS A 70 3.67 -16.79 24.34
C LYS A 70 2.85 -16.70 25.64
N LYS A 71 2.69 -15.49 26.18
CA LYS A 71 1.95 -15.36 27.39
C LYS A 71 0.47 -15.27 27.06
N GLY A 72 -0.32 -16.18 27.64
CA GLY A 72 -1.77 -16.22 27.39
C GLY A 72 -2.58 -16.06 28.65
N PHE A 73 -3.78 -15.51 28.51
CA PHE A 73 -4.70 -15.32 29.60
C PHE A 73 -6.06 -15.87 29.14
N LYS A 74 -6.72 -16.65 29.96
CA LYS A 74 -8.09 -17.05 29.69
C LYS A 74 -9.00 -16.03 30.35
N VAL A 75 -10.02 -15.59 29.63
CA VAL A 75 -10.89 -14.51 30.07
C VAL A 75 -12.34 -14.89 29.78
N ASN A 76 -13.17 -14.85 30.81
CA ASN A 76 -14.60 -15.08 30.63
C ASN A 76 -15.30 -13.76 30.40
N LEU A 77 -16.21 -13.77 29.45
CA LEU A 77 -17.14 -12.67 29.27
C LEU A 77 -18.50 -13.22 29.68
N GLN A 78 -19.19 -12.45 30.53
CA GLN A 78 -20.53 -12.79 30.96
CA GLN A 78 -20.53 -12.78 30.97
C GLN A 78 -21.31 -11.50 31.21
N SER A 79 -21.63 -10.80 30.14
CA SER A 79 -22.45 -9.60 30.28
C SER A 79 -23.22 -9.34 29.01
N ASN A 80 -24.37 -8.68 29.17
CA ASN A 80 -25.11 -8.18 28.00
C ASN A 80 -24.66 -6.83 27.50
N ASP A 81 -24.09 -6.02 28.37
CA ASP A 81 -23.61 -4.71 28.04
C ASP A 81 -22.12 -4.65 28.28
N PHE A 82 -21.46 -3.71 27.63
CA PHE A 82 -20.05 -3.51 27.82
C PHE A 82 -19.67 -3.25 29.27
N THR A 83 -18.61 -3.92 29.72
CA THR A 83 -17.93 -3.60 30.96
C THR A 83 -16.46 -3.70 30.71
N LYS A 84 -15.68 -3.20 31.66
CA LYS A 84 -14.23 -3.26 31.57
C LYS A 84 -13.78 -4.56 32.21
N VAL A 85 -13.31 -5.48 31.36
CA VAL A 85 -12.97 -6.82 31.77
C VAL A 85 -11.46 -6.98 31.94
N PRO A 86 -11.00 -7.21 33.15
CA PRO A 86 -9.56 -7.36 33.37
C PRO A 86 -9.03 -8.56 32.60
N VAL A 87 -7.84 -8.45 32.06
CA VAL A 87 -7.15 -9.57 31.40
C VAL A 87 -5.95 -9.97 32.22
N GLY A 88 -5.01 -9.06 32.43
CA GLY A 88 -3.79 -9.37 33.13
C GLY A 88 -2.67 -8.43 32.76
N SER A 89 -1.51 -8.60 33.39
CA SER A 89 -0.35 -7.75 33.19
C SER A 89 0.61 -8.31 32.19
N ILE A 90 1.16 -7.45 31.32
CA ILE A 90 2.26 -7.86 30.46
C ILE A 90 3.46 -6.97 30.69
N ASP A 91 4.59 -7.44 30.24
CA ASP A 91 5.86 -6.70 30.33
C ASP A 91 6.38 -6.51 28.91
N ILE A 92 6.37 -5.27 28.45
CA ILE A 92 6.84 -4.93 27.11
C ILE A 92 8.30 -4.53 27.34
N ARG A 93 9.20 -5.38 26.86
CA ARG A 93 10.62 -5.25 27.22
CA ARG A 93 10.62 -5.27 27.21
CA ARG A 93 10.60 -5.23 27.24
C ARG A 93 11.38 -4.30 26.30
N GLN A 94 10.74 -3.86 25.23
CA GLN A 94 11.39 -2.91 24.34
C GLN A 94 10.39 -2.11 23.53
N ALA A 95 10.82 -0.96 23.05
CA ALA A 95 10.01 -0.14 22.21
C ALA A 95 9.58 -0.89 20.97
N GLY A 96 8.44 -0.49 20.43
CA GLY A 96 7.96 -1.11 19.21
C GLY A 96 6.48 -1.40 19.26
N TYR A 97 6.00 -2.07 18.21
CA TYR A 97 4.61 -2.40 18.11
C TYR A 97 4.33 -3.55 19.08
N VAL A 98 3.19 -3.43 19.75
CA VAL A 98 2.70 -4.44 20.67
C VAL A 98 1.53 -5.08 19.96
N ARG A 99 1.57 -6.41 19.80
CA ARG A 99 0.48 -7.18 19.17
C ARG A 99 -0.22 -7.98 20.27
N ILE A 100 -1.52 -7.75 20.46
CA ILE A 100 -2.33 -8.53 21.37
C ILE A 100 -3.31 -9.35 20.52
N ASP A 101 -3.29 -10.66 20.74
CA ASP A 101 -4.17 -11.59 20.00
C ASP A 101 -5.35 -12.06 20.86
N LEU A 102 -6.50 -12.18 20.22
CA LEU A 102 -7.74 -12.67 20.81
C LEU A 102 -8.17 -13.89 20.04
N GLN A 103 -8.63 -14.93 20.73
CA GLN A 103 -9.13 -16.13 20.07
C GLN A 103 -10.27 -16.69 20.92
N GLY A 104 -11.33 -17.15 20.29
CA GLY A 104 -12.47 -17.76 20.98
C GLY A 104 -12.14 -19.12 21.51
N VAL A 105 -12.56 -19.43 22.74
CA VAL A 105 -12.35 -20.75 23.32
C VAL A 105 -13.69 -21.44 23.55
N SER A 106 -14.67 -20.73 24.11
CA SER A 106 -16.02 -21.25 24.24
C SER A 106 -17.03 -20.15 24.03
N LYS A 107 -18.14 -20.51 23.40
CA LYS A 107 -19.24 -19.58 23.17
C LYS A 107 -20.49 -20.23 23.69
N SER A 108 -21.18 -19.55 24.59
CA SER A 108 -22.40 -20.09 25.16
C SER A 108 -23.56 -19.97 24.20
N GLY A 109 -23.51 -18.99 23.31
CA GLY A 109 -24.55 -18.76 22.25
C GLY A 109 -23.90 -18.72 20.87
N GLU A 110 -24.24 -17.71 20.09
CA GLU A 110 -23.83 -17.63 18.69
C GLU A 110 -22.36 -17.27 18.51
N GLY A 111 -21.81 -16.45 19.40
CA GLY A 111 -20.48 -15.97 19.23
C GLY A 111 -19.68 -15.70 20.49
N PHE A 112 -18.43 -15.31 20.28
CA PHE A 112 -17.49 -15.13 21.38
C PHE A 112 -17.54 -13.77 22.03
N GLY A 113 -18.38 -12.89 21.53
CA GLY A 113 -18.60 -11.60 22.16
C GLY A 113 -18.25 -10.44 21.24
N GLU A 114 -18.40 -9.24 21.77
CA GLU A 114 -18.15 -8.01 21.03
CA GLU A 114 -18.14 -8.02 21.03
C GLU A 114 -17.10 -7.25 21.81
N ILE A 115 -16.05 -6.81 21.11
CA ILE A 115 -14.94 -6.18 21.75
C ILE A 115 -14.77 -4.81 21.15
N LYS A 116 -14.92 -3.76 21.97
CA LYS A 116 -14.81 -2.40 21.49
C LYS A 116 -13.41 -1.84 21.61
N GLN A 117 -12.77 -2.05 22.75
CA GLN A 117 -11.46 -1.51 23.02
C GLN A 117 -10.57 -2.46 23.73
N LEU A 118 -9.28 -2.24 23.49
CA LEU A 118 -8.24 -2.80 24.38
C LEU A 118 -7.79 -1.62 25.27
N ILE A 119 -7.81 -1.84 26.57
CA ILE A 119 -7.38 -0.80 27.52
C ILE A 119 -6.10 -1.25 28.20
N ALA A 120 -5.06 -0.42 28.12
CA ALA A 120 -3.78 -0.71 28.77
C ALA A 120 -3.58 0.35 29.85
N ASP A 121 -3.68 -0.07 31.10
CA ASP A 121 -3.50 0.85 32.24
C ASP A 121 -2.06 0.81 32.72
N ASN A 122 -1.66 1.89 33.41
CA ASN A 122 -0.35 1.96 34.00
C ASN A 122 0.80 1.79 33.05
N VAL A 123 0.66 2.46 31.90
CA VAL A 123 1.64 2.45 30.86
C VAL A 123 2.55 3.66 31.02
N THR A 124 3.85 3.41 31.00
CA THR A 124 4.83 4.50 30.96
C THR A 124 5.28 4.81 29.55
N GLY A 125 5.24 6.09 29.20
CA GLY A 125 5.80 6.56 27.95
C GLY A 125 4.76 6.77 26.88
N LYS A 126 5.24 7.29 25.76
CA LYS A 126 4.35 7.67 24.67
CA LYS A 126 4.40 7.68 24.64
C LYS A 126 3.92 6.47 23.83
N SER A 127 2.75 6.58 23.24
CA SER A 127 2.22 5.55 22.35
C SER A 127 1.68 6.14 21.06
N ASN A 128 1.59 5.30 20.03
CA ASN A 128 1.01 5.68 18.77
C ASN A 128 0.09 4.58 18.29
N TYR A 129 -1.09 4.99 17.87
CA TYR A 129 -2.00 4.09 17.23
C TYR A 129 -3.12 4.92 16.61
N VAL A 130 -4.06 4.26 15.96
CA VAL A 130 -5.14 4.96 15.29
C VAL A 130 -6.17 5.44 16.28
N LYS A 131 -6.19 6.75 16.46
CA LYS A 131 -7.22 7.42 17.23
C LYS A 131 -7.42 8.83 16.72
N ASP A 132 -8.63 9.32 16.88
CA ASP A 132 -9.00 10.63 16.37
C ASP A 132 -8.58 10.70 14.92
N PHE A 133 -8.87 9.64 14.18
CA PHE A 133 -8.40 9.51 12.81
C PHE A 133 -9.23 8.49 12.11
N SER A 134 -9.42 8.61 10.80
CA SER A 134 -10.22 7.62 10.05
C SER A 134 -9.79 6.15 10.30
N ASP A 135 -10.70 5.32 10.79
CA ASP A 135 -10.41 3.91 10.97
C ASP A 135 -10.12 3.24 9.64
N TYR A 136 -10.83 3.66 8.62
CA TYR A 136 -10.66 3.11 7.29
C TYR A 136 -9.24 3.38 6.78
N TRP A 137 -8.86 4.65 6.75
CA TRP A 137 -7.52 5.01 6.29
C TRP A 137 -6.44 4.53 7.26
N GLY A 138 -6.74 4.58 8.54
CA GLY A 138 -5.84 4.08 9.55
C GLY A 138 -5.49 2.63 9.37
N ARG A 139 -6.48 1.80 9.06
CA ARG A 139 -6.21 0.38 8.91
C ARG A 139 -5.59 0.06 7.56
N ARG A 140 -5.94 0.82 6.55
CA ARG A 140 -5.25 0.61 5.26
C ARG A 140 -3.73 0.89 5.43
N GLY A 141 -3.37 1.82 6.28
CA GLY A 141 -1.96 2.00 6.58
C GLY A 141 -1.30 2.99 5.63
N PRO A 142 -0.04 3.34 5.93
CA PRO A 142 0.59 4.46 5.27
C PRO A 142 1.24 4.08 3.94
N SER A 143 0.71 4.64 2.87
CA SER A 143 1.33 4.46 1.55
C SER A 143 2.69 5.20 1.55
N VAL A 144 3.66 4.63 0.82
CA VAL A 144 4.97 5.21 0.67
C VAL A 144 5.32 5.37 -0.79
N HIS A 145 6.25 6.26 -1.04
CA HIS A 145 6.58 6.77 -2.37
C HIS A 145 8.07 6.93 -2.51
N LEU A 146 8.55 6.74 -3.75
CA LEU A 146 9.91 7.08 -4.12
C LEU A 146 9.82 7.97 -5.33
N GLY A 147 10.50 9.10 -5.30
CA GLY A 147 10.59 9.96 -6.47
C GLY A 147 12.03 9.92 -6.96
N TYR A 148 12.21 9.79 -8.28
CA TYR A 148 13.52 9.68 -8.88
C TYR A 148 13.88 11.00 -9.55
N ALA A 149 15.11 11.45 -9.37
CA ALA A 149 15.54 12.69 -10.00
C ALA A 149 15.93 12.47 -11.42
N LEU A 150 15.39 13.31 -12.30
CA LEU A 150 15.71 13.32 -13.70
C LEU A 150 16.92 14.20 -13.96
N PRO A 151 17.69 13.90 -15.02
CA PRO A 151 18.70 14.85 -15.49
C PRO A 151 18.08 16.15 -15.96
N GLU A 152 18.95 17.13 -16.16
CA GLU A 152 18.52 18.37 -16.78
CA GLU A 152 18.60 18.39 -16.82
C GLU A 152 18.07 18.11 -18.21
N GLY A 153 17.15 18.94 -18.68
CA GLY A 153 16.64 18.83 -20.04
C GLY A 153 15.31 18.14 -20.05
N ASP A 154 14.93 17.63 -21.21
CA ASP A 154 13.58 17.12 -21.40
C ASP A 154 13.64 15.62 -21.56
N THR A 155 13.07 14.91 -20.58
CA THR A 155 12.93 13.46 -20.63
C THR A 155 11.65 13.04 -21.35
N GLU A 156 11.76 12.07 -22.25
CA GLU A 156 10.60 11.50 -22.94
C GLU A 156 10.24 10.13 -22.39
N TRP A 157 11.21 9.32 -22.01
CA TRP A 157 10.92 7.99 -21.50
C TRP A 157 11.52 7.73 -20.14
N PHE A 158 10.76 7.01 -19.35
CA PHE A 158 11.21 6.50 -18.06
C PHE A 158 11.08 4.97 -18.07
N TYR A 159 12.12 4.32 -17.57
CA TYR A 159 12.23 2.88 -17.54
C TYR A 159 12.54 2.47 -16.12
N ASN A 160 11.81 1.49 -15.59
CA ASN A 160 12.00 1.00 -14.25
C ASN A 160 11.68 -0.47 -14.14
N GLU A 161 12.49 -1.18 -13.38
CA GLU A 161 12.36 -2.61 -13.20
C GLU A 161 11.80 -2.88 -11.84
N ILE A 162 10.73 -3.67 -11.80
CA ILE A 162 10.03 -3.95 -10.56
CA ILE A 162 10.01 -3.94 -10.56
C ILE A 162 10.04 -5.43 -10.25
N THR A 163 10.29 -5.76 -8.99
CA THR A 163 10.26 -7.13 -8.50
C THR A 163 9.56 -7.08 -7.18
N VAL A 164 8.48 -7.86 -7.04
CA VAL A 164 7.81 -8.03 -5.78
C VAL A 164 8.30 -9.38 -5.24
N PRO A 165 9.06 -9.35 -4.14
CA PRO A 165 9.57 -10.60 -3.56
C PRO A 165 8.41 -11.34 -2.92
N LYS A 166 8.52 -12.66 -2.78
CA LYS A 166 7.41 -13.46 -2.23
CA LYS A 166 7.40 -13.44 -2.27
C LYS A 166 6.94 -12.89 -0.91
N GLU A 167 7.88 -12.52 -0.05
CA GLU A 167 7.58 -11.93 1.26
CA GLU A 167 7.53 -11.96 1.26
C GLU A 167 6.81 -10.60 1.18
N GLY A 168 6.92 -9.91 0.05
CA GLY A 168 6.22 -8.66 -0.17
C GLY A 168 4.93 -8.70 -0.97
N GLU A 169 4.51 -9.89 -1.39
CA GLU A 169 3.38 -10.13 -2.25
C GLU A 169 2.17 -10.26 -1.38
N THR A 170 1.25 -9.32 -1.50
CA THR A 170 0.15 -9.27 -0.56
C THR A 170 -1.08 -8.84 -1.30
N MSE A 171 -2.14 -9.63 -1.16
CA MSE A 171 -3.38 -9.37 -1.90
C MSE A 171 -3.93 -7.99 -1.58
O MSE A 171 -3.87 -7.54 -0.45
CB MSE A 171 -4.45 -10.45 -1.63
CG MSE A 171 -5.56 -10.42 -2.65
SE MSE A 171 -6.88 -11.80 -2.18
CE MSE A 171 -5.76 -13.37 -2.38
N HIS A 172 -4.43 -7.30 -2.62
CA HIS A 172 -5.01 -5.97 -2.53
C HIS A 172 -3.96 -4.85 -2.35
N SER A 173 -2.83 -5.02 -3.02
CA SER A 173 -1.73 -4.07 -3.03
C SER A 173 -1.64 -3.47 -4.43
N TYR A 174 -1.23 -2.22 -4.49
CA TYR A 174 -0.84 -1.56 -5.73
C TYR A 174 0.65 -1.28 -5.65
N TYR A 175 1.35 -1.91 -6.56
CA TYR A 175 2.77 -1.74 -6.74
C TYR A 175 2.95 -0.81 -7.94
N MSE A 176 3.06 0.49 -7.67
CA MSE A 176 3.04 1.50 -8.73
C MSE A 176 4.49 1.80 -9.10
O MSE A 176 5.25 2.34 -8.29
CB MSE A 176 2.22 2.71 -8.34
CG MSE A 176 1.67 3.51 -9.52
SE MSE A 176 3.12 4.48 -10.41
CE MSE A 176 3.44 5.79 -9.03
N ALA A 177 4.85 1.40 -10.31
CA ALA A 177 6.22 1.33 -10.81
C ALA A 177 6.72 2.63 -11.47
N ALA A 178 5.88 3.21 -12.32
CA ALA A 178 6.32 4.26 -13.25
C ALA A 178 5.30 5.35 -13.39
N GLY A 179 5.18 6.13 -12.33
CA GLY A 179 4.29 7.25 -12.31
C GLY A 179 4.93 8.45 -12.94
N PHE A 180 4.12 9.48 -13.06
CA PHE A 180 4.52 10.71 -13.75
C PHE A 180 3.59 11.79 -13.22
N GLY A 181 3.74 13.00 -13.73
CA GLY A 181 3.09 14.12 -13.14
C GLY A 181 1.59 14.07 -13.25
N GLU A 182 1.09 13.33 -14.22
CA GLU A 182 -0.37 13.35 -14.51
C GLU A 182 -1.01 11.95 -14.35
N GLY A 183 -0.33 10.98 -13.74
CA GLY A 183 -0.94 9.67 -13.56
C GLY A 183 0.02 8.59 -13.16
N TYR A 184 -0.44 7.34 -13.32
CA TYR A 184 0.20 6.17 -12.71
C TYR A 184 0.36 5.04 -13.72
N PHE A 185 1.38 4.21 -13.51
CA PHE A 185 1.56 3.00 -14.29
C PHE A 185 2.16 1.95 -13.40
N GLY A 186 1.42 0.89 -13.14
CA GLY A 186 1.93 -0.18 -12.25
C GLY A 186 1.19 -1.49 -12.33
N MSE A 187 1.29 -2.27 -11.26
CA MSE A 187 0.63 -3.55 -11.21
C MSE A 187 0.02 -3.81 -9.85
O MSE A 187 0.50 -3.32 -8.83
CB MSE A 187 1.56 -4.70 -11.67
CG MSE A 187 2.77 -4.91 -10.82
SE MSE A 187 3.99 -6.13 -11.67
CE MSE A 187 5.03 -6.68 -10.12
N GLN A 188 -1.07 -4.56 -9.85
CA GLN A 188 -1.81 -4.89 -8.65
C GLN A 188 -2.00 -6.38 -8.50
N TYR A 189 -2.15 -6.80 -7.23
CA TYR A 189 -2.60 -8.19 -6.91
C TYR A 189 -4.03 -8.11 -6.33
N ASN A 190 -5.02 -8.41 -7.15
CA ASN A 190 -6.40 -8.00 -6.84
C ASN A 190 -7.20 -9.11 -6.16
N SER A 191 -6.96 -10.36 -6.55
CA SER A 191 -7.70 -11.50 -6.00
C SER A 191 -6.91 -12.75 -6.32
N PRO A 192 -7.40 -13.93 -5.88
CA PRO A 192 -6.72 -15.17 -6.19
C PRO A 192 -6.64 -15.48 -7.65
N THR A 193 -7.53 -14.90 -8.45
CA THR A 193 -7.59 -15.23 -9.87
C THR A 193 -7.38 -14.03 -10.77
N GLU A 194 -6.96 -12.91 -10.20
CA GLU A 194 -6.82 -11.69 -10.98
C GLU A 194 -5.69 -10.78 -10.52
N ARG A 195 -4.85 -10.44 -11.48
CA ARG A 195 -3.81 -9.44 -11.29
C ARG A 195 -3.84 -8.56 -12.53
N ARG A 196 -3.58 -7.28 -12.34
CA ARG A 196 -3.72 -6.29 -13.40
C ARG A 196 -2.48 -5.44 -13.55
N ILE A 197 -2.20 -5.09 -14.78
CA ILE A 197 -1.27 -4.02 -15.11
C ILE A 197 -2.18 -2.82 -15.38
N LEU A 198 -2.03 -1.74 -14.61
CA LEU A 198 -2.87 -0.51 -14.66
CA LEU A 198 -2.85 -0.55 -14.89
C LEU A 198 -2.09 0.72 -15.17
N PHE A 199 -2.77 1.56 -15.93
CA PHE A 199 -2.20 2.78 -16.51
C PHE A 199 -3.33 3.79 -16.54
N SER A 200 -3.17 4.84 -15.74
CA SER A 200 -4.22 5.82 -15.53
C SER A 200 -3.65 7.22 -15.81
N VAL A 201 -4.43 8.08 -16.45
CA VAL A 201 -4.05 9.46 -16.76
C VAL A 201 -5.21 10.36 -16.35
N TRP A 202 -4.91 11.33 -15.48
CA TRP A 202 -5.91 12.30 -15.06
C TRP A 202 -6.18 13.35 -16.14
N SER A 203 -7.45 13.74 -16.25
CA SER A 203 -7.80 14.94 -17.00
C SER A 203 -7.28 16.16 -16.23
N PRO A 204 -7.00 17.25 -16.96
CA PRO A 204 -6.67 18.51 -16.31
C PRO A 204 -7.86 19.14 -15.62
N PHE A 205 -9.07 18.71 -15.96
CA PHE A 205 -10.27 19.29 -15.37
C PHE A 205 -10.57 18.65 -14.03
N ASP A 206 -10.71 19.46 -13.01
CA ASP A 206 -10.83 18.94 -11.67
C ASP A 206 -12.28 18.64 -11.37
N THR A 207 -12.59 17.35 -11.27
CA THR A 207 -13.95 16.89 -11.03
C THR A 207 -13.89 15.48 -10.53
N GLN A 208 -14.95 15.08 -9.79
CA GLN A 208 -15.05 13.72 -9.33
C GLN A 208 -15.88 12.85 -10.27
N ASN A 209 -16.44 13.44 -11.31
CA ASN A 209 -17.25 12.72 -12.29
C ASN A 209 -16.66 12.91 -13.69
N PRO A 210 -16.16 11.84 -14.34
CA PRO A 210 -15.60 12.02 -15.67
C PRO A 210 -16.58 12.53 -16.72
N LYS A 211 -17.88 12.29 -16.53
CA LYS A 211 -18.86 12.83 -17.40
C LYS A 211 -19.04 14.35 -17.29
N GLU A 212 -18.54 14.96 -16.21
CA GLU A 212 -18.58 16.41 -16.06
C GLU A 212 -17.34 17.09 -16.67
N ILE A 213 -16.40 16.30 -17.22
CA ILE A 213 -15.26 16.88 -17.91
C ILE A 213 -15.72 17.39 -19.30
N PRO A 214 -15.47 18.68 -19.61
CA PRO A 214 -15.80 19.18 -20.94
C PRO A 214 -15.15 18.32 -22.03
N ASP A 215 -15.83 18.18 -23.15
CA ASP A 215 -15.32 17.32 -24.23
C ASP A 215 -13.85 17.63 -24.57
N ASP A 216 -13.50 18.91 -24.63
CA ASP A 216 -12.13 19.32 -25.01
C ASP A 216 -11.05 19.12 -23.92
N GLN A 217 -11.46 18.61 -22.76
CA GLN A 217 -10.56 18.26 -21.66
C GLN A 217 -10.56 16.77 -21.31
N LYS A 218 -11.37 15.97 -21.99
CA LYS A 218 -11.41 14.54 -21.75
C LYS A 218 -10.11 13.88 -22.22
N ILE A 219 -9.70 12.88 -21.46
CA ILE A 219 -8.58 12.01 -21.89
C ILE A 219 -9.08 11.20 -23.08
N LYS A 220 -8.32 11.21 -24.18
CA LYS A 220 -8.69 10.53 -25.41
C LYS A 220 -7.85 9.32 -25.62
N LEU A 221 -8.48 8.26 -26.10
CA LEU A 221 -7.76 7.02 -26.38
C LEU A 221 -7.13 7.12 -27.76
N LEU A 222 -5.82 6.92 -27.85
CA LEU A 222 -5.13 6.86 -29.13
C LEU A 222 -4.79 5.44 -29.56
N ARG A 223 -4.38 4.59 -28.60
CA ARG A 223 -3.99 3.21 -28.92
C ARG A 223 -4.39 2.32 -27.77
N GLN A 224 -4.74 1.09 -28.07
CA GLN A 224 -5.18 0.16 -27.04
C GLN A 224 -4.51 -1.17 -27.28
N GLY A 225 -3.83 -1.70 -26.28
CA GLY A 225 -3.11 -2.95 -26.49
C GLY A 225 -4.07 -4.12 -26.59
N LYS A 226 -3.58 -5.21 -27.14
CA LYS A 226 -4.35 -6.45 -27.16
C LYS A 226 -4.82 -6.87 -25.75
N ASP A 227 -6.14 -7.11 -25.62
CA ASP A 227 -6.78 -7.62 -24.42
C ASP A 227 -6.89 -6.55 -23.32
N VAL A 228 -6.51 -5.32 -23.65
CA VAL A 228 -6.57 -4.20 -22.68
C VAL A 228 -7.99 -3.66 -22.57
N HIS A 229 -8.41 -3.33 -21.35
CA HIS A 229 -9.70 -2.75 -21.05
C HIS A 229 -9.52 -1.27 -20.77
N ILE A 230 -10.31 -0.46 -21.46
CA ILE A 230 -10.23 0.98 -21.38
C ILE A 230 -11.49 1.51 -20.78
N GLY A 231 -11.38 2.49 -19.90
CA GLY A 231 -12.59 3.15 -19.41
C GLY A 231 -12.22 4.47 -18.77
N GLU A 232 -13.16 5.01 -17.99
CA GLU A 232 -12.97 6.29 -17.30
CA GLU A 232 -12.98 6.29 -17.30
C GLU A 232 -13.12 6.07 -15.81
N PHE A 233 -12.55 6.95 -15.01
CA PHE A 233 -12.64 6.80 -13.56
C PHE A 233 -13.03 8.14 -12.98
N GLY A 234 -13.54 8.09 -11.76
CA GLY A 234 -13.90 9.27 -11.04
C GLY A 234 -13.65 9.06 -9.57
N ASN A 235 -14.15 9.99 -8.77
CA ASN A 235 -14.04 9.92 -7.31
C ASN A 235 -12.63 9.97 -6.73
N GLU A 236 -11.63 10.29 -7.53
CA GLU A 236 -10.29 10.62 -7.01
CA GLU A 236 -10.30 10.67 -6.99
C GLU A 236 -9.68 11.59 -8.01
N GLY A 237 -10.45 12.60 -8.35
CA GLY A 237 -10.23 13.29 -9.60
C GLY A 237 -10.75 12.29 -10.66
N SER A 238 -10.63 12.67 -11.91
CA SER A 238 -11.20 11.91 -13.00
C SER A 238 -10.30 11.88 -14.20
N GLY A 239 -10.49 10.85 -15.03
CA GLY A 239 -9.75 10.73 -16.25
C GLY A 239 -9.94 9.38 -16.94
N GLY A 240 -8.88 8.92 -17.61
CA GLY A 240 -8.93 7.69 -18.39
C GLY A 240 -8.08 6.64 -17.71
N GLN A 241 -8.54 5.38 -17.78
CA GLN A 241 -7.71 4.30 -17.29
C GLN A 241 -7.75 3.11 -18.21
N SER A 242 -6.76 2.25 -18.05
CA SER A 242 -6.60 1.08 -18.89
C SER A 242 -5.99 0.02 -18.01
N TYR A 243 -6.41 -1.23 -18.20
CA TYR A 243 -5.69 -2.32 -17.56
C TYR A 243 -5.64 -3.56 -18.43
N LEU A 244 -4.62 -4.38 -18.14
CA LEU A 244 -4.41 -5.69 -18.77
C LEU A 244 -4.38 -6.69 -17.64
N LYS A 245 -5.23 -7.70 -17.73
CA LYS A 245 -5.20 -8.79 -16.78
CA LYS A 245 -5.19 -8.78 -16.76
C LYS A 245 -3.95 -9.57 -17.13
N TYR A 246 -3.05 -9.73 -16.18
CA TYR A 246 -1.79 -10.42 -16.46
C TYR A 246 -1.34 -11.12 -15.20
N PRO A 247 -1.08 -12.44 -15.26
CA PRO A 247 -0.75 -13.18 -14.05
C PRO A 247 0.75 -13.04 -13.71
N TRP A 248 1.12 -11.87 -13.23
CA TRP A 248 2.51 -11.65 -12.83
C TRP A 248 2.84 -12.44 -11.59
N LYS A 249 4.11 -12.79 -11.46
CA LYS A 249 4.58 -13.63 -10.38
C LYS A 249 5.56 -12.90 -9.48
N ALA A 250 5.46 -13.22 -8.20
CA ALA A 250 6.39 -12.75 -7.21
C ALA A 250 7.74 -13.31 -7.55
N GLY A 251 8.79 -12.52 -7.30
CA GLY A 251 10.13 -12.96 -7.57
C GLY A 251 10.60 -12.71 -8.99
N ASN A 252 9.70 -12.39 -9.91
CA ASN A 252 10.11 -12.10 -11.27
C ASN A 252 10.26 -10.61 -11.44
N THR A 253 11.17 -10.23 -12.34
CA THR A 253 11.42 -8.82 -12.56
C THR A 253 10.69 -8.37 -13.81
N TYR A 254 9.78 -7.42 -13.66
CA TYR A 254 9.04 -6.87 -14.78
C TYR A 254 9.58 -5.50 -15.13
N LYS A 255 9.39 -5.08 -16.37
CA LYS A 255 9.88 -3.80 -16.79
C LYS A 255 8.71 -2.90 -17.18
N PHE A 256 8.76 -1.65 -16.74
CA PHE A 256 7.77 -0.64 -17.08
C PHE A 256 8.50 0.44 -17.88
N LEU A 257 7.94 0.75 -19.04
CA LEU A 257 8.52 1.73 -19.96
C LEU A 257 7.44 2.75 -20.30
N MSE A 258 7.63 3.99 -19.86
CA MSE A 258 6.58 5.02 -19.91
C MSE A 258 7.05 6.17 -20.80
O MSE A 258 8.09 6.77 -20.55
CB MSE A 258 6.30 5.49 -18.47
CG MSE A 258 5.19 6.50 -18.29
SE MSE A 258 3.50 5.67 -18.82
CE MSE A 258 2.79 7.16 -19.75
N GLN A 259 6.27 6.49 -21.82
CA GLN A 259 6.59 7.55 -22.76
C GLN A 259 5.65 8.72 -22.61
N ILE A 260 6.22 9.92 -22.51
CA ILE A 260 5.43 11.15 -22.36
C ILE A 260 5.99 12.13 -23.39
N ARG A 261 5.14 12.61 -24.25
CA ARG A 261 5.58 13.39 -25.43
C ARG A 261 4.54 14.45 -25.78
N PRO A 262 4.89 15.74 -25.65
CA PRO A 262 3.92 16.73 -26.10
C PRO A 262 3.76 16.69 -27.63
N ASP A 263 2.56 16.98 -28.13
CA ASP A 263 2.35 16.89 -29.55
C ASP A 263 2.64 18.19 -30.30
N GLY A 264 2.92 19.28 -29.56
CA GLY A 264 3.17 20.59 -30.14
C GLY A 264 1.89 21.35 -30.46
N ASN A 265 0.75 20.73 -30.18
CA ASN A 265 -0.56 21.31 -30.45
C ASN A 265 -1.35 21.51 -29.18
N GLY A 266 -0.65 21.54 -28.05
CA GLY A 266 -1.25 21.89 -26.78
C GLY A 266 -1.74 20.64 -26.04
N ASN A 267 -1.45 19.45 -26.58
CA ASN A 267 -1.72 18.19 -25.89
C ASN A 267 -0.44 17.46 -25.56
N THR A 268 -0.54 16.47 -24.69
CA THR A 268 0.57 15.56 -24.39
C THR A 268 0.07 14.12 -24.47
N THR A 269 0.90 13.25 -25.04
CA THR A 269 0.53 11.84 -25.17
CA THR A 269 0.58 11.83 -25.24
C THR A 269 1.32 11.00 -24.21
N TYR A 270 0.62 10.05 -23.61
CA TYR A 270 1.15 9.17 -22.59
C TYR A 270 1.00 7.75 -23.09
N THR A 271 2.10 7.01 -23.22
CA THR A 271 2.08 5.68 -23.83
C THR A 271 2.83 4.71 -22.90
N ALA A 272 2.08 3.71 -22.43
CA ALA A 272 2.59 2.77 -21.42
C ALA A 272 2.86 1.38 -21.99
N TYR A 273 4.08 0.89 -21.82
CA TYR A 273 4.50 -0.42 -22.27
C TYR A 273 5.01 -1.27 -21.08
N PHE A 274 4.57 -2.51 -21.03
CA PHE A 274 4.89 -3.44 -19.95
C PHE A 274 5.63 -4.63 -20.53
N TYR A 275 6.78 -4.99 -19.95
CA TYR A 275 7.52 -6.19 -20.39
C TYR A 275 7.00 -7.39 -19.62
N ALA A 276 6.29 -8.26 -20.32
CA ALA A 276 5.75 -9.48 -19.72
C ALA A 276 6.86 -10.52 -19.70
N THR A 277 7.61 -10.47 -18.61
CA THR A 277 8.82 -11.24 -18.51
C THR A 277 8.59 -12.72 -18.78
N ASP A 278 7.47 -13.23 -18.30
CA ASP A 278 7.16 -14.64 -18.40
C ASP A 278 7.00 -15.08 -19.84
N GLU A 279 6.65 -14.16 -20.74
CA GLU A 279 6.50 -14.43 -22.16
C GLU A 279 7.62 -13.83 -22.96
N LYS A 280 8.53 -13.13 -22.30
CA LYS A 280 9.59 -12.41 -22.94
C LYS A 280 9.09 -11.54 -24.08
N GLU A 281 8.08 -10.74 -23.81
CA GLU A 281 7.65 -9.77 -24.81
CA GLU A 281 7.53 -9.82 -24.82
C GLU A 281 7.04 -8.51 -24.19
N TRP A 282 7.25 -7.41 -24.89
CA TRP A 282 6.65 -6.13 -24.52
C TRP A 282 5.18 -6.16 -24.89
N LYS A 283 4.36 -5.57 -24.03
CA LYS A 283 2.94 -5.39 -24.31
C LYS A 283 2.65 -3.92 -24.30
N LEU A 284 1.76 -3.50 -25.20
CA LEU A 284 1.19 -2.17 -25.11
C LEU A 284 0.05 -2.24 -24.11
N ILE A 285 -0.02 -1.29 -23.18
CA ILE A 285 -1.21 -1.17 -22.37
C ILE A 285 -2.13 -0.20 -23.12
N ALA A 286 -1.78 1.09 -23.12
CA ALA A 286 -2.53 2.06 -23.92
C ALA A 286 -1.70 3.30 -24.23
N SER A 287 -2.22 4.12 -25.12
CA SER A 287 -1.72 5.46 -25.35
C SER A 287 -2.91 6.40 -25.21
N PHE A 288 -2.77 7.37 -24.31
CA PHE A 288 -3.80 8.35 -24.02
C PHE A 288 -3.31 9.75 -24.36
N LEU A 289 -4.22 10.57 -24.84
CA LEU A 289 -3.88 11.96 -25.05
C LEU A 289 -4.52 12.78 -23.96
N ARG A 290 -3.75 13.67 -23.35
CA ARG A 290 -4.26 14.59 -22.35
C ARG A 290 -4.29 15.99 -22.98
N PRO A 291 -5.47 16.59 -23.09
CA PRO A 291 -5.55 17.92 -23.65
C PRO A 291 -5.12 19.00 -22.67
N LYS A 292 -4.95 20.19 -23.20
CA LYS A 292 -4.61 21.36 -22.39
C LYS A 292 -3.37 21.10 -21.55
N THR A 293 -2.43 20.39 -22.14
CA THR A 293 -1.22 19.96 -21.45
C THR A 293 -0.06 19.96 -22.39
N ASN A 294 1.04 20.59 -21.99
CA ASN A 294 2.22 20.62 -22.80
C ASN A 294 3.42 20.33 -21.94
N THR A 295 3.74 19.05 -21.81
CA THR A 295 4.81 18.64 -20.90
C THR A 295 5.58 17.46 -21.45
N TRP A 296 6.85 17.42 -21.13
CA TRP A 296 7.65 16.24 -21.23
C TRP A 296 7.45 15.46 -19.93
N TYR A 297 8.21 14.39 -19.77
CA TYR A 297 8.13 13.56 -18.57
C TYR A 297 8.51 14.36 -17.34
N LYS A 298 7.65 14.35 -16.32
CA LYS A 298 7.96 14.98 -15.04
C LYS A 298 7.64 14.01 -13.91
N ARG A 299 8.43 14.09 -12.86
CA ARG A 299 8.14 13.41 -11.60
C ARG A 299 7.99 11.90 -11.76
N PRO A 300 9.01 11.25 -12.33
CA PRO A 300 8.99 9.81 -12.31
C PRO A 300 9.00 9.35 -10.85
N HIS A 301 8.11 8.43 -10.54
CA HIS A 301 8.01 7.98 -9.17
C HIS A 301 7.33 6.65 -9.07
N SER A 302 7.40 6.06 -7.89
CA SER A 302 6.84 4.76 -7.61
C SER A 302 6.11 4.89 -6.29
N PHE A 303 5.14 4.02 -6.05
CA PHE A 303 4.54 3.98 -4.72
C PHE A 303 4.05 2.59 -4.38
N LEU A 304 3.83 2.40 -3.10
CA LEU A 304 3.35 1.14 -2.55
C LEU A 304 2.16 1.43 -1.65
N GLU A 305 1.03 0.79 -1.98
CA GLU A 305 -0.26 1.13 -1.40
C GLU A 305 -0.99 -0.14 -1.07
N ASN A 306 -1.64 -0.13 0.09
CA ASN A 306 -2.60 -1.16 0.48
C ASN A 306 -4.02 -0.62 0.33
N PHE A 307 -4.83 -1.28 -0.51
CA PHE A 307 -6.22 -0.89 -0.74
C PHE A 307 -7.19 -1.35 0.32
N SER A 308 -6.84 -2.36 1.10
CA SER A 308 -7.82 -3.03 1.94
C SER A 308 -7.53 -2.87 3.42
N PRO A 309 -8.44 -2.23 4.15
CA PRO A 309 -8.25 -2.12 5.58
C PRO A 309 -8.04 -3.46 6.26
N GLU A 310 -8.67 -4.54 5.76
CA GLU A 310 -8.53 -5.85 6.35
C GLU A 310 -7.10 -6.38 6.22
N GLN A 311 -6.36 -5.87 5.24
CA GLN A 311 -4.96 -6.31 5.00
C GLN A 311 -3.92 -5.46 5.67
N GLY A 312 -4.31 -4.47 6.45
CA GLY A 312 -3.32 -3.60 7.11
C GLY A 312 -2.29 -4.25 7.98
N TYR A 313 -2.63 -5.40 8.57
CA TYR A 313 -1.72 -6.13 9.45
C TYR A 313 -0.62 -6.87 8.74
N LEU A 314 -0.71 -6.97 7.41
CA LEU A 314 0.29 -7.60 6.61
C LEU A 314 1.15 -6.54 5.95
N SER A 315 2.45 -6.79 5.92
CA SER A 315 3.34 -5.94 5.15
C SER A 315 3.28 -6.33 3.68
N ARG A 316 3.82 -5.44 2.87
CA ARG A 316 3.99 -5.64 1.46
C ARG A 316 5.29 -4.84 1.14
N GLU A 317 5.95 -5.25 0.08
CA GLU A 317 7.28 -4.76 -0.22
C GLU A 317 7.57 -4.97 -1.68
N VAL A 318 8.42 -4.11 -2.23
CA VAL A 318 8.72 -4.14 -3.64
C VAL A 318 10.07 -3.52 -3.87
N PHE A 319 10.77 -4.04 -4.86
CA PHE A 319 12.10 -3.57 -5.23
C PHE A 319 12.06 -2.93 -6.63
N PHE A 320 12.77 -1.82 -6.76
CA PHE A 320 12.84 -1.07 -7.97
C PHE A 320 14.31 -0.96 -8.35
N GLY A 321 14.65 -1.38 -9.56
CA GLY A 321 16.02 -1.42 -10.03
C GLY A 321 16.16 -0.77 -11.38
N ASN A 322 17.40 -0.42 -11.67
CA ASN A 322 17.80 -0.06 -13.04
C ASN A 322 16.91 1.03 -13.67
N GLN A 323 16.82 2.18 -12.98
CA GLN A 323 16.04 3.29 -13.46
C GLN A 323 16.81 4.02 -14.55
N TRP A 324 16.18 4.24 -15.69
CA TRP A 324 16.79 4.99 -16.80
C TRP A 324 15.82 6.00 -17.34
N ALA A 325 16.36 7.07 -17.89
CA ALA A 325 15.56 8.09 -18.54
C ALA A 325 16.15 8.30 -19.91
N ARG A 326 15.28 8.51 -20.88
CA ARG A 326 15.74 8.85 -22.23
C ARG A 326 15.27 10.24 -22.60
N SER A 327 16.23 11.10 -22.97
CA SER A 327 15.92 12.47 -23.38
C SER A 327 15.15 12.48 -24.68
N LYS A 328 14.49 13.60 -24.95
CA LYS A 328 13.83 13.77 -26.21
C LYS A 328 14.83 13.70 -27.37
N GLU A 329 16.10 14.03 -27.09
CA GLU A 329 17.17 13.92 -28.10
C GLU A 329 17.67 12.50 -28.31
N GLY A 330 17.22 11.56 -27.48
CA GLY A 330 17.52 10.15 -27.67
C GLY A 330 18.64 9.64 -26.79
N LYS A 331 19.00 10.37 -25.75
CA LYS A 331 20.10 9.99 -24.89
C LYS A 331 19.57 9.31 -23.61
N TRP A 332 20.13 8.16 -23.30
CA TRP A 332 19.79 7.43 -22.07
C TRP A 332 20.67 7.86 -20.93
N SER A 333 20.11 8.00 -19.73
CA SER A 333 20.88 8.31 -18.51
C SER A 333 20.38 7.40 -17.41
N ARG A 334 21.27 6.86 -16.61
CA ARG A 334 20.91 6.00 -15.49
C ARG A 334 20.62 6.92 -14.30
N LEU A 335 19.46 6.78 -13.69
CA LEU A 335 19.08 7.62 -12.56
C LEU A 335 19.64 7.02 -11.28
N THR A 336 20.01 7.88 -10.34
CA THR A 336 20.69 7.44 -9.13
C THR A 336 20.09 7.93 -7.81
N ASP A 337 19.20 8.90 -7.85
CA ASP A 337 18.74 9.63 -6.65
C ASP A 337 17.24 9.39 -6.46
N ALA A 338 16.86 8.80 -5.33
CA ALA A 338 15.46 8.53 -5.01
C ALA A 338 15.13 9.26 -3.70
N THR A 339 13.98 9.92 -3.63
CA THR A 339 13.54 10.58 -2.44
C THR A 339 12.32 9.84 -1.88
N PHE A 340 12.40 9.47 -0.62
CA PHE A 340 11.34 8.72 0.03
C PHE A 340 10.36 9.66 0.66
N THR A 341 9.07 9.43 0.43
CA THR A 341 8.04 10.09 1.19
C THR A 341 6.94 9.10 1.66
N HIS A 342 6.12 9.56 2.59
CA HIS A 342 5.02 8.79 3.12
C HIS A 342 3.77 9.63 3.06
N ASP A 343 2.64 8.98 3.17
CA ASP A 343 1.35 9.67 3.09
C ASP A 343 0.95 10.33 4.42
N ALA A 344 -0.26 10.91 4.44
CA ALA A 344 -0.73 11.71 5.56
C ALA A 344 -1.06 10.84 6.80
N THR A 345 -1.31 9.57 6.58
CA THR A 345 -1.60 8.64 7.68
C THR A 345 -0.33 8.48 8.49
N ALA A 346 0.77 8.31 7.80
CA ALA A 346 2.10 8.34 8.44
C ALA A 346 2.38 9.71 9.08
N SER A 347 2.08 10.80 8.38
CA SER A 347 2.32 12.13 8.93
C SER A 347 1.54 12.38 10.22
N ALA A 348 0.33 11.83 10.29
CA ALA A 348 -0.51 11.88 11.51
C ALA A 348 0.09 11.06 12.67
N GLN A 349 1.04 10.18 12.36
CA GLN A 349 1.77 9.37 13.32
C GLN A 349 0.84 8.35 13.95
N VAL A 350 -0.23 8.00 13.25
CA VAL A 350 -1.14 6.97 13.76
C VAL A 350 -0.72 5.58 13.32
N ARG A 351 0.13 5.51 12.31
CA ARG A 351 0.78 4.30 11.84
C ARG A 351 2.25 4.60 11.61
N LEU A 352 3.12 3.79 12.18
CA LEU A 352 4.57 3.99 12.08
C LEU A 352 5.25 2.97 11.17
N ASP A 353 4.45 2.12 10.55
CA ASP A 353 4.99 1.07 9.69
C ASP A 353 5.10 1.47 8.22
N TYR A 354 6.04 2.39 7.99
CA TYR A 354 6.38 2.95 6.68
C TYR A 354 7.89 2.95 6.54
N GLN A 355 8.37 2.45 5.41
CA GLN A 355 9.78 2.28 5.22
C GLN A 355 10.15 2.26 3.73
N GLY A 356 11.39 2.64 3.45
CA GLY A 356 11.94 2.54 2.10
C GLY A 356 13.45 2.67 2.23
N GLY A 357 14.18 2.45 1.14
CA GLY A 357 15.62 2.66 1.11
C GLY A 357 16.34 1.81 0.10
N ASN A 358 17.54 1.40 0.48
CA ASN A 358 18.43 0.60 -0.36
C ASN A 358 18.32 -0.88 -0.04
N THR A 359 18.36 -1.71 -1.10
CA THR A 359 18.55 -3.10 -0.95
C THR A 359 20.06 -3.30 -0.93
N LYS A 360 20.50 -4.55 -0.73
CA LYS A 360 21.91 -4.87 -0.79
C LYS A 360 22.37 -5.17 -2.21
N ASP A 361 21.48 -5.10 -3.21
CA ASP A 361 21.85 -5.39 -4.58
C ASP A 361 21.60 -4.20 -5.52
N ASN A 362 21.73 -3.01 -4.96
CA ASN A 362 21.76 -1.75 -5.73
C ASN A 362 20.39 -1.38 -6.28
N ARG A 363 19.35 -1.83 -5.59
CA ARG A 363 17.98 -1.41 -5.89
C ARG A 363 17.46 -0.55 -4.77
N PHE A 364 16.30 0.05 -5.00
CA PHE A 364 15.59 0.76 -3.97
C PHE A 364 14.43 -0.12 -3.60
N TYR A 365 13.93 0.04 -2.38
CA TYR A 365 12.72 -0.68 -1.96
C TYR A 365 11.73 0.23 -1.26
N LEU A 366 10.48 -0.23 -1.24
CA LEU A 366 9.43 0.34 -0.42
C LEU A 366 8.81 -0.81 0.37
N LYS A 367 8.40 -0.49 1.58
CA LYS A 367 7.76 -1.45 2.48
C LYS A 367 6.79 -0.73 3.40
N MSE A 368 5.56 -1.24 3.49
CA MSE A 368 4.66 -0.74 4.47
C MSE A 368 3.65 -1.78 4.93
O MSE A 368 3.46 -2.83 4.31
CB MSE A 368 3.96 0.55 4.01
CG MSE A 368 3.32 0.55 2.68
SE MSE A 368 1.55 -0.33 2.64
CE MSE A 368 0.61 0.50 4.13
N GLY A 369 3.03 -1.45 6.05
CA GLY A 369 2.04 -2.33 6.68
C GLY A 369 2.73 -3.34 7.52
N GLY A 370 1.96 -4.13 8.26
CA GLY A 370 2.57 -5.21 9.02
C GLY A 370 3.21 -4.86 10.35
N PHE A 371 3.09 -3.61 10.78
CA PHE A 371 3.45 -3.22 12.13
C PHE A 371 4.89 -3.59 12.54
N PHE A 372 5.81 -3.30 11.62
CA PHE A 372 7.25 -3.38 11.88
C PHE A 372 7.68 -2.11 12.58
N ASN A 373 8.89 -2.11 13.12
CA ASN A 373 9.29 -1.12 14.11
C ASN A 373 10.26 -0.03 13.67
N GLU A 374 10.81 -0.14 12.46
CA GLU A 374 11.70 0.92 11.97
C GLU A 374 11.06 1.69 10.84
N SER A 375 10.94 2.98 11.01
CA SER A 375 10.39 3.85 10.00
C SER A 375 11.46 4.70 9.35
N VAL A 376 11.10 5.46 8.34
CA VAL A 376 12.07 6.30 7.64
C VAL A 376 11.46 7.66 7.50
N PRO A 377 12.25 8.73 7.78
CA PRO A 377 11.68 10.05 7.71
C PRO A 377 11.31 10.54 6.32
N MSE A 378 10.26 11.34 6.30
CA MSE A 378 9.82 12.07 5.12
C MSE A 378 10.99 12.78 4.50
O MSE A 378 11.71 13.49 5.21
CB MSE A 378 8.79 13.13 5.55
CG MSE A 378 8.22 13.96 4.42
SE MSE A 378 6.69 12.99 3.68
CE MSE A 378 6.26 14.17 2.18
N GLY A 379 11.18 12.57 3.20
CA GLY A 379 12.14 13.32 2.40
C GLY A 379 13.55 12.75 2.43
N THR A 380 13.72 11.59 3.05
CA THR A 380 15.03 10.96 3.15
C THR A 380 15.48 10.59 1.73
N LYS A 381 16.72 10.96 1.38
CA LYS A 381 17.22 10.70 0.04
C LYS A 381 18.08 9.46 0.03
N PHE A 382 17.88 8.61 -0.96
CA PHE A 382 18.66 7.38 -1.09
C PHE A 382 19.32 7.37 -2.46
N TYR A 383 20.43 6.66 -2.56
CA TYR A 383 21.25 6.66 -3.75
C TYR A 383 21.62 5.24 -4.17
N CYS A 384 21.77 5.06 -5.47
CA CYS A 384 22.33 3.82 -6.02
CA CYS A 384 22.31 3.82 -6.04
C CYS A 384 23.52 4.12 -6.93
N LYS A 385 24.34 3.09 -7.14
CA LYS A 385 25.38 3.15 -8.16
C LYS A 385 24.77 3.23 -9.55
N PRO A 386 25.40 3.95 -10.46
CA PRO A 386 24.89 4.09 -11.81
C PRO A 386 25.29 2.89 -12.69
N THR A 387 25.01 1.69 -12.23
CA THR A 387 25.32 0.46 -12.93
C THR A 387 24.03 -0.09 -13.45
N GLY A 388 24.14 -1.05 -14.35
CA GLY A 388 22.99 -1.72 -14.88
C GLY A 388 22.96 -1.58 -16.39
N LYS A 389 22.17 -2.46 -17.00
CA LYS A 389 22.18 -2.57 -18.43
C LYS A 389 21.24 -1.51 -19.05
N GLU A 390 21.78 -0.65 -19.90
CA GLU A 390 21.00 0.31 -20.63
C GLU A 390 19.93 -0.41 -21.44
N PRO A 391 18.69 0.11 -21.42
CA PRO A 391 17.65 -0.60 -22.14
C PRO A 391 17.89 -0.68 -23.63
N GLU A 392 17.61 -1.86 -24.20
CA GLU A 392 17.69 -2.10 -25.65
CA GLU A 392 17.69 -2.06 -25.65
C GLU A 392 16.27 -2.26 -26.14
N ILE A 393 15.70 -1.20 -26.68
CA ILE A 393 14.30 -1.22 -27.04
C ILE A 393 14.12 -1.16 -28.55
N ASP A 394 13.36 -2.10 -29.09
CA ASP A 394 12.94 -2.01 -30.51
C ASP A 394 11.76 -1.03 -30.66
N TRP A 395 12.09 0.23 -30.88
CA TRP A 395 11.10 1.31 -30.91
C TRP A 395 10.08 1.10 -31.99
N GLU A 396 10.54 0.61 -33.14
CA GLU A 396 9.62 0.35 -34.24
C GLU A 396 8.65 -0.72 -33.91
N ALA A 397 9.11 -1.82 -33.30
CA ALA A 397 8.22 -2.88 -32.89
C ALA A 397 7.16 -2.43 -31.88
N LEU A 398 7.54 -1.57 -30.94
CA LEU A 398 6.58 -1.07 -29.97
C LEU A 398 5.47 -0.31 -30.69
N LYS A 399 5.84 0.44 -31.73
CA LYS A 399 4.85 1.22 -32.47
C LYS A 399 3.86 0.35 -33.19
N GLN A 400 4.21 -0.91 -33.46
CA GLN A 400 3.30 -1.83 -34.15
C GLN A 400 2.36 -2.57 -33.22
N LEU A 401 2.57 -2.45 -31.90
CA LEU A 401 1.68 -3.09 -30.94
C LEU A 401 0.30 -2.41 -30.93
CL CL B . -23.87 -14.07 20.97
S SO4 C . 18.65 3.81 -28.44
O1 SO4 C . 19.96 3.21 -28.52
O2 SO4 C . 18.79 5.17 -27.91
O3 SO4 C . 17.96 3.77 -29.71
O4 SO4 C . 17.87 3.03 -27.51
S SO4 D . 8.85 11.18 9.98
O1 SO4 D . 8.59 11.59 8.61
O2 SO4 D . 10.11 11.75 10.45
O3 SO4 D . 7.73 11.62 10.81
O4 SO4 D . 9.05 9.72 10.12
S SO4 E . -17.78 1.30 32.65
O1 SO4 E . -17.73 2.18 31.48
O2 SO4 E . -17.97 2.10 33.85
O3 SO4 E . -18.93 0.44 32.48
O4 SO4 E . -16.55 0.55 32.74
S SO4 F . 15.61 22.52 -27.66
O1 SO4 F . 16.99 22.91 -27.41
O2 SO4 F . 15.09 22.21 -26.35
O3 SO4 F . 14.84 23.62 -28.20
O4 SO4 F . 15.51 21.40 -28.58
S SO4 G . -21.87 -4.84 12.87
O1 SO4 G . -21.22 -5.77 11.97
O2 SO4 G . -21.05 -3.67 13.15
O3 SO4 G . -23.11 -4.40 12.24
O4 SO4 G . -22.24 -5.57 14.07
S SO4 H . -29.73 -7.06 30.79
O1 SO4 H . -29.45 -6.32 29.56
O2 SO4 H . -28.58 -7.91 31.13
O3 SO4 H . -29.97 -6.10 31.88
O4 SO4 H . -30.92 -7.89 30.61
S SO4 I . -1.00 7.19 -2.83
O1 SO4 I . -1.23 8.45 -3.52
O2 SO4 I . -0.04 7.35 -1.73
O3 SO4 I . -2.22 6.60 -2.29
O4 SO4 I . -0.47 6.26 -3.81
S SO4 J . 20.66 12.09 -12.32
O1 SO4 J . 21.61 13.15 -12.66
O2 SO4 J . 20.27 12.23 -10.91
O3 SO4 J . 19.55 12.26 -13.23
O4 SO4 J . 21.29 10.78 -12.51
S SO4 K . -14.45 -15.27 36.05
O1 SO4 K . -13.06 -15.54 35.71
O2 SO4 K . -14.56 -15.17 37.51
O3 SO4 K . -14.84 -14.03 35.41
O4 SO4 K . -15.30 -16.37 35.60
C1 GOL L . -13.73 -0.09 10.10
O1 GOL L . -12.96 -0.36 11.22
C2 GOL L . -12.75 0.38 9.03
O2 GOL L . -11.41 0.00 9.36
C3 GOL L . -13.13 -0.23 7.70
O3 GOL L . -12.73 -1.57 7.77
C1 GOL M . 17.49 -7.08 -0.11
O1 GOL M . 18.54 -6.32 0.45
C2 GOL M . 17.91 -8.28 -0.95
O2 GOL M . 17.26 -8.18 -2.20
C3 GOL M . 19.41 -8.45 -1.17
O3 GOL M . 19.89 -7.45 -2.04
C1 GOL N . 13.93 -5.78 3.27
O1 GOL N . 12.87 -5.27 4.06
C2 GOL N . 14.92 -4.67 3.04
O2 GOL N . 15.56 -4.42 4.26
C3 GOL N . 16.01 -5.06 2.05
O3 GOL N . 15.36 -5.31 0.85
C1 GOL O . 11.17 -5.19 12.45
O1 GOL O . 10.12 -4.70 13.24
C2 GOL O . 12.20 -4.10 12.15
O2 GOL O . 12.62 -3.45 13.34
C3 GOL O . 11.70 -3.07 11.11
O3 GOL O . 11.96 -3.50 9.76
C1 GOL P . 21.77 -3.88 -11.64
O1 GOL P . 22.96 -3.67 -12.36
C2 GOL P . 21.19 -2.52 -11.22
O2 GOL P . 22.19 -1.63 -10.75
C3 GOL P . 20.13 -2.79 -10.16
O3 GOL P . 19.38 -1.61 -9.92
C1 GOL Q . -13.03 -3.71 -9.39
O1 GOL Q . -12.83 -3.29 -8.06
C2 GOL Q . -13.16 -2.53 -10.33
O2 GOL Q . -11.91 -1.96 -10.60
C3 GOL Q . -13.74 -3.03 -11.65
O3 GOL Q . -12.77 -3.78 -12.32
C1 GOL R . -14.31 6.44 10.67
O1 GOL R . -13.26 6.48 11.63
C2 GOL R . -13.68 6.32 9.28
O2 GOL R . -13.61 4.98 8.89
C3 GOL R . -14.38 7.14 8.21
O3 GOL R . -13.38 7.58 7.29
C1 PEG S . -3.51 12.56 -8.76
O1 PEG S . -4.37 13.71 -8.79
C2 PEG S . -2.73 12.61 -10.04
O2 PEG S . -1.51 11.92 -9.84
C3 PEG S . -0.42 12.83 -9.66
C4 PEG S . 0.88 12.08 -9.59
O4 PEG S . 1.83 12.72 -8.72
C1 PEG T . -5.83 10.93 4.78
O1 PEG T . -5.77 11.69 5.98
C2 PEG T . -4.85 9.76 4.86
O2 PEG T . -4.60 9.00 3.65
C3 PEG T . -4.73 9.64 2.38
C4 PEG T . -6.21 9.75 2.02
O4 PEG T . -6.38 9.74 0.60
C1 PEG U . -9.71 0.72 -4.57
O1 PEG U . -10.15 0.67 -3.21
C2 PEG U . -9.67 -0.70 -5.11
O2 PEG U . -8.92 -0.68 -6.34
C3 PEG U . -8.81 -1.96 -6.93
C4 PEG U . -9.93 -2.12 -7.94
O4 PEG U . -10.18 -3.52 -8.11
#